data_6K3X
#
_entry.id   6K3X
#
loop_
_entity.id
_entity.type
_entity.pdbx_description
1 polymer "DNA (5'-D(*TP*TP*GP*GP*TP*GP*GP*GP*TP*GP*GP*GP*TP*GP*GP*GP*T)-3')"
2 polymer "DNA (5'-D(*AP*G)-3')"
#
loop_
_entity_poly.entity_id
_entity_poly.type
_entity_poly.pdbx_seq_one_letter_code
_entity_poly.pdbx_strand_id
1 'polydeoxyribonucleotide' (DT)(DT)(DG)(DG)(DT)(DG)(DG)(DG)(DT)(DG)(DG)(DG)(DT)(DG)(DG)(DG)(DT) A
2 'polydeoxyribonucleotide' (DA)(DG) B
#
loop_
_chem_comp.id
_chem_comp.type
_chem_comp.name
_chem_comp.formula
DA DNA linking 2'-DEOXYADENOSINE-5'-MONOPHOSPHATE 'C10 H14 N5 O6 P'
DG DNA linking 2'-DEOXYGUANOSINE-5'-MONOPHOSPHATE 'C10 H14 N5 O7 P'
DT DNA linking THYMIDINE-5'-MONOPHOSPHATE 'C10 H15 N2 O8 P'
#